data_8ABO
#
_entry.id   8ABO
#
_cell.length_a   78.080
_cell.length_b   104.425
_cell.length_c   104.688
_cell.angle_alpha   90.000
_cell.angle_beta   90.000
_cell.angle_gamma   90.000
#
_symmetry.space_group_name_H-M   'C 2 2 21'
#
loop_
_entity.id
_entity.type
_entity.pdbx_description
1 polymer CYPX
2 non-polymer 4-PHENYL-1H-IMIDAZOLE
3 non-polymer 'PROTOPORPHYRIN IX CONTAINING FE'
4 non-polymer 'NITRATE ION'
5 water water
#
_entity_poly.entity_id   1
_entity_poly.type   'polypeptide(L)'
_entity_poly.pdbx_seq_one_letter_code
;GSLKVYNSIFDQAYEIDPIPYFNFLRKHDPVHYEESIDAYFVSKYKDVKYILKNNDIFNTKTLAKRAEPVMKDRVLAQMS
GQEHKSKKKAILKGMTGKYLENLMPILEKRTNDIINKHIEKKEIDIVNDFGKVFAVQSSMDLLGINLENYEKIREWHNGI
AKFITSFNLNDEEIKYSLECSDKLENYLMPLIKDRKKSTKDDLISILLEYKNDENSISDTEILALSLNVLLAATEPVDKT
LAYLFYNLLKNPEQFESVKNNPKLIKNAIIETLRYNSPVQLIPRQVSKPFIFNNTELQAGDTVICMIGSANRDPEAYSNP
DEFNIHRSSDNKSPFTSHSQNLSFGTGVHTCVGASFSLIQLEMVAILLLKRLKNIKLKTMEITEHGIYTRGPKSMVISFD
;
_entity_poly.pdbx_strand_id   A
#
# COMPACT_ATOMS: atom_id res chain seq x y z
N LYS A 4 30.25 -11.79 -11.55
CA LYS A 4 30.12 -10.67 -10.62
C LYS A 4 29.21 -9.59 -11.20
N VAL A 5 28.40 -8.98 -10.32
CA VAL A 5 27.39 -8.01 -10.71
C VAL A 5 27.67 -6.68 -10.01
N TYR A 6 27.27 -5.59 -10.67
CA TYR A 6 27.58 -4.26 -10.19
C TYR A 6 26.37 -3.34 -10.08
N ASN A 7 25.18 -3.80 -10.48
CA ASN A 7 23.95 -3.03 -10.37
C ASN A 7 23.17 -3.56 -9.17
N SER A 8 23.19 -2.84 -8.04
CA SER A 8 22.51 -3.28 -6.83
C SER A 8 21.27 -2.45 -6.52
N ILE A 9 20.22 -3.13 -6.05
CA ILE A 9 18.98 -2.52 -5.57
C ILE A 9 19.28 -1.50 -4.47
N PHE A 10 20.41 -1.67 -3.79
CA PHE A 10 20.79 -0.90 -2.62
C PHE A 10 21.80 0.19 -2.95
N ASP A 11 22.17 0.38 -4.22
CA ASP A 11 22.81 1.64 -4.60
C ASP A 11 21.92 2.83 -4.27
N GLN A 12 22.57 3.93 -3.87
CA GLN A 12 21.82 5.16 -3.61
C GLN A 12 21.04 5.59 -4.85
N ALA A 13 21.56 5.32 -6.04
CA ALA A 13 20.89 5.76 -7.27
C ALA A 13 19.53 5.10 -7.43
N TYR A 14 19.39 3.88 -6.93
CA TYR A 14 18.13 3.17 -7.13
C TYR A 14 16.99 3.87 -6.43
N GLU A 15 17.16 4.22 -5.16
CA GLU A 15 16.08 4.93 -4.45
C GLU A 15 15.79 6.27 -5.07
N ILE A 16 16.82 6.97 -5.55
CA ILE A 16 16.60 8.23 -6.28
C ILE A 16 15.68 8.01 -7.46
N ASP A 17 16.02 7.04 -8.32
CA ASP A 17 15.28 6.81 -9.57
C ASP A 17 15.47 5.35 -9.96
N PRO A 18 14.54 4.47 -9.62
CA PRO A 18 14.70 3.05 -9.92
C PRO A 18 14.34 2.67 -11.35
N ILE A 19 13.79 3.58 -12.15
CA ILE A 19 13.33 3.21 -13.49
C ILE A 19 14.43 2.64 -14.36
N PRO A 20 15.63 3.25 -14.45
CA PRO A 20 16.68 2.60 -15.24
C PRO A 20 17.06 1.23 -14.69
N TYR A 21 16.92 1.00 -13.38
CA TYR A 21 17.18 -0.34 -12.86
C TYR A 21 16.12 -1.33 -13.33
N PHE A 22 14.85 -0.94 -13.32
CA PHE A 22 13.83 -1.84 -13.83
C PHE A 22 14.21 -2.30 -15.25
N ASN A 23 14.66 -1.36 -16.09
CA ASN A 23 14.90 -1.69 -17.51
C ASN A 23 16.13 -2.57 -17.65
N PHE A 24 17.17 -2.29 -16.88
CA PHE A 24 18.33 -3.16 -16.90
C PHE A 24 17.97 -4.56 -16.41
N LEU A 25 17.29 -4.65 -15.27
CA LEU A 25 17.03 -5.95 -14.65
C LEU A 25 16.14 -6.83 -15.53
N ARG A 26 15.06 -6.26 -16.06
CA ARG A 26 14.16 -7.05 -16.89
C ARG A 26 14.86 -7.64 -18.10
N LYS A 27 15.78 -6.89 -18.70
CA LYS A 27 16.48 -7.31 -19.91
C LYS A 27 17.65 -8.24 -19.62
N HIS A 28 18.38 -8.00 -18.53
CA HIS A 28 19.70 -8.59 -18.36
C HIS A 28 19.87 -9.41 -17.10
N ASP A 29 19.01 -9.26 -16.09
CA ASP A 29 19.15 -10.01 -14.84
C ASP A 29 17.79 -10.10 -14.17
N PRO A 30 16.85 -10.82 -14.79
CA PRO A 30 15.45 -10.78 -14.33
C PRO A 30 15.21 -11.53 -13.03
N VAL A 31 16.18 -12.26 -12.51
CA VAL A 31 16.08 -12.91 -11.20
C VAL A 31 17.39 -12.59 -10.52
N HIS A 32 17.44 -11.47 -9.81
CA HIS A 32 18.69 -10.79 -9.49
C HIS A 32 19.02 -10.96 -8.01
N TYR A 33 20.21 -11.51 -7.71
CA TYR A 33 20.56 -11.82 -6.33
C TYR A 33 21.18 -10.62 -5.60
N GLU A 34 20.74 -10.40 -4.36
CA GLU A 34 21.30 -9.36 -3.48
C GLU A 34 21.83 -10.05 -2.24
N GLU A 35 23.15 -10.04 -2.08
CA GLU A 35 23.75 -10.78 -0.97
CA GLU A 35 23.77 -10.77 -0.97
C GLU A 35 23.44 -10.13 0.37
N SER A 36 23.26 -8.81 0.40
CA SER A 36 23.04 -8.13 1.66
C SER A 36 21.79 -8.63 2.38
N ILE A 37 20.76 -9.06 1.64
CA ILE A 37 19.58 -9.61 2.28
C ILE A 37 19.33 -11.07 1.86
N ASP A 38 20.27 -11.68 1.16
CA ASP A 38 20.16 -13.06 0.68
C ASP A 38 18.79 -13.28 0.03
N ALA A 39 18.52 -12.50 -1.03
CA ALA A 39 17.22 -12.61 -1.69
C ALA A 39 17.41 -12.35 -3.18
N TYR A 40 16.48 -12.88 -3.97
CA TYR A 40 16.46 -12.69 -5.41
C TYR A 40 15.33 -11.73 -5.78
N PHE A 41 15.65 -10.69 -6.55
CA PHE A 41 14.65 -9.71 -6.96
C PHE A 41 14.14 -10.07 -8.35
N VAL A 42 12.82 -10.07 -8.53
CA VAL A 42 12.17 -10.59 -9.74
C VAL A 42 11.46 -9.44 -10.42
N SER A 43 11.85 -9.15 -11.68
CA SER A 43 11.51 -7.85 -12.31
C SER A 43 10.52 -7.92 -13.46
N LYS A 44 10.34 -9.08 -14.07
CA LYS A 44 9.47 -9.20 -15.24
C LYS A 44 8.02 -9.47 -14.84
N TYR A 45 7.09 -8.86 -15.56
CA TYR A 45 5.68 -9.09 -15.33
C TYR A 45 5.32 -10.59 -15.32
N LYS A 46 5.82 -11.35 -16.30
CA LYS A 46 5.42 -12.75 -16.38
C LYS A 46 5.89 -13.56 -15.18
N ASP A 47 7.13 -13.31 -14.71
CA ASP A 47 7.67 -14.04 -13.57
C ASP A 47 6.99 -13.62 -12.28
N VAL A 48 6.73 -12.32 -12.13
CA VAL A 48 6.05 -11.82 -10.93
C VAL A 48 4.65 -12.41 -10.87
N LYS A 49 3.92 -12.34 -11.98
CA LYS A 49 2.59 -12.94 -12.04
C LYS A 49 2.62 -14.41 -11.68
N TYR A 50 3.55 -15.19 -12.28
CA TYR A 50 3.61 -16.62 -11.98
C TYR A 50 3.89 -16.86 -10.50
N ILE A 51 4.84 -16.13 -9.92
CA ILE A 51 5.17 -16.33 -8.51
C ILE A 51 3.94 -16.07 -7.63
N LEU A 52 3.26 -14.92 -7.84
CA LEU A 52 2.11 -14.55 -7.02
C LEU A 52 0.92 -15.49 -7.24
N LYS A 53 0.75 -16.03 -8.45
CA LYS A 53 -0.37 -16.94 -8.72
C LYS A 53 -0.13 -18.33 -8.15
N ASN A 54 1.09 -18.66 -7.77
CA ASN A 54 1.40 -20.02 -7.34
C ASN A 54 1.74 -19.98 -5.84
N ASN A 55 0.69 -19.84 -5.01
CA ASN A 55 0.87 -19.68 -3.58
C ASN A 55 1.48 -20.92 -2.92
N ASP A 56 1.41 -22.09 -3.56
CA ASP A 56 1.96 -23.31 -2.97
C ASP A 56 3.46 -23.44 -3.20
N ILE A 57 3.96 -22.94 -4.33
CA ILE A 57 5.40 -23.01 -4.58
C ILE A 57 6.12 -21.84 -3.91
N PHE A 58 5.50 -20.66 -3.89
CA PHE A 58 6.11 -19.44 -3.34
C PHE A 58 5.19 -18.98 -2.20
N ASN A 59 5.58 -19.25 -0.96
CA ASN A 59 4.67 -19.06 0.16
C ASN A 59 5.04 -17.80 0.93
N THR A 60 4.21 -17.45 1.93
CA THR A 60 4.34 -16.17 2.61
C THR A 60 5.06 -16.30 3.96
N LYS A 61 5.83 -17.36 4.17
CA LYS A 61 6.60 -17.54 5.39
C LYS A 61 7.62 -16.41 5.59
N THR A 62 8.09 -15.80 4.51
CA THR A 62 9.03 -14.69 4.66
C THR A 62 8.38 -13.53 5.44
N LEU A 63 7.06 -13.37 5.31
CA LEU A 63 6.35 -12.25 5.93
C LEU A 63 6.25 -12.44 7.44
N ALA A 64 6.17 -13.69 7.90
CA ALA A 64 6.12 -13.98 9.33
C ALA A 64 7.36 -13.46 10.06
N LYS A 65 8.51 -13.52 9.41
CA LYS A 65 9.74 -13.06 10.04
C LYS A 65 9.78 -11.55 10.14
N ARG A 66 9.24 -10.87 9.14
CA ARG A 66 9.24 -9.41 9.11
C ARG A 66 8.03 -8.79 9.78
N ALA A 67 6.99 -9.56 10.10
CA ALA A 67 5.78 -9.01 10.73
C ALA A 67 5.65 -9.34 12.21
N GLU A 68 6.05 -10.55 12.64
CA GLU A 68 5.84 -10.95 14.03
C GLU A 68 6.29 -9.93 15.07
N PRO A 69 7.52 -9.38 15.00
CA PRO A 69 7.99 -8.56 16.14
C PRO A 69 7.17 -7.32 16.42
N VAL A 70 6.49 -6.73 15.43
CA VAL A 70 5.72 -5.51 15.66
C VAL A 70 4.22 -5.71 15.58
N MET A 71 3.72 -6.78 14.95
CA MET A 71 2.27 -6.95 14.87
C MET A 71 1.69 -7.88 15.92
N LYS A 72 2.53 -8.53 16.72
CA LYS A 72 2.16 -9.17 18.00
C LYS A 72 1.50 -10.52 17.81
N ASP A 73 0.99 -10.82 16.63
CA ASP A 73 0.45 -12.14 16.33
C ASP A 73 0.38 -12.26 14.81
N ARG A 74 -0.30 -13.30 14.32
CA ARG A 74 -0.27 -13.60 12.89
C ARG A 74 -1.13 -12.63 12.10
N VAL A 75 -0.59 -12.15 10.98
CA VAL A 75 -1.30 -11.24 10.08
C VAL A 75 -1.99 -12.06 9.00
N LEU A 76 -2.84 -11.41 8.21
CA LEU A 76 -3.66 -12.14 7.26
C LEU A 76 -2.81 -12.82 6.20
N ALA A 77 -1.78 -12.12 5.70
CA ALA A 77 -0.98 -12.66 4.60
C ALA A 77 -0.23 -13.92 4.99
N GLN A 78 -0.09 -14.21 6.28
CA GLN A 78 0.56 -15.42 6.74
C GLN A 78 -0.34 -16.65 6.75
N MET A 79 -1.66 -16.46 6.61
CA MET A 79 -2.62 -17.57 6.67
C MET A 79 -2.81 -18.22 5.29
N SER A 80 -3.47 -19.39 5.29
CA SER A 80 -3.76 -20.12 4.06
C SER A 80 -5.05 -20.91 4.26
N GLY A 81 -5.49 -21.57 3.19
CA GLY A 81 -6.70 -22.40 3.29
C GLY A 81 -7.91 -21.67 3.84
N GLN A 82 -8.75 -22.41 4.56
CA GLN A 82 -10.03 -21.89 5.03
C GLN A 82 -9.86 -20.75 6.01
N GLU A 83 -8.85 -20.83 6.87
CA GLU A 83 -8.62 -19.74 7.82
C GLU A 83 -8.41 -18.42 7.07
N HIS A 84 -7.51 -18.43 6.08
CA HIS A 84 -7.24 -17.22 5.31
C HIS A 84 -8.50 -16.75 4.57
N LYS A 85 -9.19 -17.66 3.90
CA LYS A 85 -10.37 -17.28 3.12
C LYS A 85 -11.43 -16.65 4.00
N SER A 86 -11.74 -17.28 5.13
CA SER A 86 -12.82 -16.79 5.96
C SER A 86 -12.44 -15.49 6.64
N LYS A 87 -11.17 -15.32 7.03
CA LYS A 87 -10.82 -14.11 7.75
C LYS A 87 -10.62 -12.94 6.80
N LYS A 88 -10.13 -13.22 5.59
CA LYS A 88 -10.11 -12.21 4.54
C LYS A 88 -11.52 -11.72 4.24
N LYS A 89 -12.49 -12.64 4.20
CA LYS A 89 -13.89 -12.26 3.99
C LYS A 89 -14.42 -11.36 5.12
N ALA A 90 -14.09 -11.69 6.37
CA ALA A 90 -14.49 -10.85 7.50
C ALA A 90 -13.93 -9.45 7.36
N ILE A 91 -12.66 -9.35 6.94
CA ILE A 91 -12.04 -8.04 6.80
C ILE A 91 -12.72 -7.26 5.69
N LEU A 92 -12.93 -7.90 4.54
CA LEU A 92 -13.66 -7.26 3.43
C LEU A 92 -14.98 -6.70 3.89
N LYS A 93 -15.67 -7.42 4.79
CA LYS A 93 -17.00 -7.05 5.22
C LYS A 93 -17.01 -5.65 5.80
N GLY A 94 -15.98 -5.30 6.57
CA GLY A 94 -15.91 -3.98 7.18
C GLY A 94 -15.71 -2.85 6.19
N MET A 95 -15.53 -3.16 4.93
CA MET A 95 -15.25 -2.11 3.97
C MET A 95 -16.11 -2.28 2.72
N THR A 96 -17.24 -2.95 2.87
CA THR A 96 -18.16 -3.18 1.79
C THR A 96 -19.54 -3.11 2.37
N GLY A 97 -20.56 -3.28 1.52
CA GLY A 97 -21.92 -3.31 2.05
C GLY A 97 -22.26 -2.09 2.87
N LYS A 98 -23.11 -2.32 3.88
CA LYS A 98 -23.57 -1.24 4.76
C LYS A 98 -22.42 -0.63 5.54
N TYR A 99 -21.37 -1.40 5.84
CA TYR A 99 -20.20 -0.82 6.48
C TYR A 99 -19.57 0.25 5.59
N LEU A 100 -19.47 -0.03 4.29
CA LEU A 100 -18.97 0.95 3.32
C LEU A 100 -19.90 2.16 3.21
N GLU A 101 -21.22 1.93 3.16
CA GLU A 101 -22.15 3.06 3.02
C GLU A 101 -22.08 3.98 4.23
N ASN A 102 -21.91 3.40 5.42
CA ASN A 102 -21.77 4.20 6.64
C ASN A 102 -20.46 4.96 6.66
N LEU A 103 -19.42 4.36 6.10
CA LEU A 103 -18.07 4.90 6.26
C LEU A 103 -17.81 6.07 5.33
N MET A 104 -18.24 5.99 4.06
CA MET A 104 -17.84 7.03 3.12
C MET A 104 -18.32 8.43 3.47
N PRO A 105 -19.54 8.68 3.99
CA PRO A 105 -19.84 10.04 4.46
C PRO A 105 -18.87 10.51 5.52
N ILE A 106 -18.40 9.59 6.36
CA ILE A 106 -17.44 9.97 7.39
C ILE A 106 -16.13 10.38 6.75
N LEU A 107 -15.71 9.68 5.69
CA LEU A 107 -14.47 10.04 5.03
C LEU A 107 -14.62 11.30 4.20
N GLU A 108 -15.81 11.55 3.68
CA GLU A 108 -16.12 12.88 3.16
C GLU A 108 -15.95 13.95 4.23
N LYS A 109 -16.49 13.74 5.44
CA LYS A 109 -16.28 14.69 6.53
C LYS A 109 -14.79 14.88 6.81
N ARG A 110 -14.03 13.79 6.85
CA ARG A 110 -12.60 13.92 7.06
C ARG A 110 -11.98 14.74 5.94
N THR A 111 -12.38 14.48 4.70
CA THR A 111 -11.81 15.24 3.59
C THR A 111 -12.14 16.71 3.72
N ASN A 112 -13.43 17.03 3.95
CA ASN A 112 -13.85 18.42 3.99
C ASN A 112 -13.26 19.13 5.21
N ASP A 113 -13.03 18.43 6.33
CA ASP A 113 -12.44 19.14 7.46
C ASP A 113 -10.99 19.50 7.16
N ILE A 114 -10.27 18.66 6.44
CA ILE A 114 -8.90 19.01 6.07
C ILE A 114 -8.91 20.20 5.12
N ILE A 115 -9.66 20.08 4.02
CA ILE A 115 -9.82 21.19 3.08
C ILE A 115 -10.18 22.47 3.82
N ASN A 116 -11.15 22.39 4.74
CA ASN A 116 -11.58 23.59 5.47
C ASN A 116 -10.47 24.20 6.30
N LYS A 117 -9.46 23.44 6.68
CA LYS A 117 -8.37 24.02 7.44
C LYS A 117 -7.41 24.82 6.57
N HIS A 118 -7.29 24.48 5.27
CA HIS A 118 -6.35 25.13 4.37
C HIS A 118 -6.99 25.95 3.26
N ILE A 119 -8.32 25.94 3.14
CA ILE A 119 -8.99 26.52 1.98
C ILE A 119 -8.67 28.01 1.85
N GLU A 120 -8.60 28.74 2.97
CA GLU A 120 -8.33 30.18 2.89
C GLU A 120 -6.86 30.50 2.65
N LYS A 121 -5.96 29.52 2.86
CA LYS A 121 -4.53 29.70 2.62
C LYS A 121 -4.14 29.60 1.15
N LYS A 122 -5.03 29.06 0.29
CA LYS A 122 -4.85 28.98 -1.15
C LYS A 122 -3.68 28.09 -1.57
N GLU A 123 -3.26 27.18 -0.70
CA GLU A 123 -2.33 26.11 -1.06
C GLU A 123 -2.47 25.02 -0.02
N ILE A 124 -2.04 23.82 -0.40
CA ILE A 124 -2.08 22.64 0.45
C ILE A 124 -1.01 21.67 -0.04
N ASP A 125 -0.33 21.00 0.89
CA ASP A 125 0.59 19.92 0.56
C ASP A 125 -0.19 18.61 0.56
N ILE A 126 -0.42 18.05 -0.63
CA ILE A 126 -1.23 16.84 -0.73
C ILE A 126 -0.60 15.71 0.07
N VAL A 127 0.72 15.72 0.24
CA VAL A 127 1.38 14.70 1.08
C VAL A 127 1.22 15.05 2.56
N ASN A 128 1.80 16.18 2.98
CA ASN A 128 1.98 16.41 4.40
C ASN A 128 0.79 17.07 5.08
N ASP A 129 0.00 17.87 4.36
CA ASP A 129 -1.23 18.44 4.92
C ASP A 129 -2.44 17.53 4.76
N PHE A 130 -2.60 16.87 3.61
CA PHE A 130 -3.80 16.06 3.41
C PHE A 130 -3.55 14.57 3.66
N GLY A 131 -2.66 13.96 2.87
CA GLY A 131 -2.56 12.50 2.88
C GLY A 131 -2.18 11.93 4.24
N LYS A 132 -1.16 12.49 4.88
CA LYS A 132 -0.70 11.94 6.15
C LYS A 132 -1.80 12.02 7.21
N VAL A 133 -2.54 13.13 7.23
CA VAL A 133 -3.62 13.32 8.19
C VAL A 133 -4.80 12.42 7.86
N PHE A 134 -5.28 12.51 6.62
CA PHE A 134 -6.45 11.75 6.17
C PHE A 134 -6.23 10.24 6.27
N ALA A 135 -5.07 9.75 5.85
CA ALA A 135 -4.88 8.31 5.77
C ALA A 135 -5.07 7.67 7.15
N VAL A 136 -4.46 8.24 8.19
CA VAL A 136 -4.58 7.61 9.51
C VAL A 136 -6.00 7.78 10.09
N GLN A 137 -6.59 8.99 9.98
CA GLN A 137 -7.97 9.15 10.42
C GLN A 137 -8.88 8.12 9.75
N SER A 138 -8.72 7.94 8.44
CA SER A 138 -9.50 7.01 7.64
C SER A 138 -9.38 5.56 8.15
N SER A 139 -8.15 5.15 8.43
CA SER A 139 -7.91 3.82 9.00
C SER A 139 -8.58 3.67 10.35
N MET A 140 -8.51 4.71 11.20
CA MET A 140 -9.17 4.61 12.49
C MET A 140 -10.69 4.61 12.36
N ASP A 141 -11.24 5.43 11.45
CA ASP A 141 -12.68 5.37 11.19
C ASP A 141 -13.10 3.98 10.73
N LEU A 142 -12.32 3.38 9.84
CA LEU A 142 -12.62 2.02 9.37
C LEU A 142 -12.61 1.03 10.53
N LEU A 143 -11.65 1.16 11.45
CA LEU A 143 -11.52 0.22 12.55
C LEU A 143 -12.51 0.51 13.67
N GLY A 144 -12.94 1.76 13.81
CA GLY A 144 -13.76 2.17 14.92
C GLY A 144 -13.02 2.81 16.07
N ILE A 145 -11.84 3.34 15.84
CA ILE A 145 -11.05 3.96 16.90
C ILE A 145 -11.30 5.45 16.88
N ASN A 146 -11.71 6.00 18.01
CA ASN A 146 -12.04 7.42 18.06
C ASN A 146 -10.79 8.26 17.81
N LEU A 147 -10.98 9.42 17.18
CA LEU A 147 -9.85 10.23 16.73
C LEU A 147 -9.19 11.06 17.81
N GLU A 148 -9.54 10.86 19.09
CA GLU A 148 -8.91 11.62 20.15
C GLU A 148 -7.38 11.55 20.08
N ASN A 149 -6.83 10.43 19.64
CA ASN A 149 -5.39 10.22 19.73
C ASN A 149 -4.71 10.05 18.39
N TYR A 150 -5.31 10.56 17.31
CA TYR A 150 -4.72 10.33 15.99
C TYR A 150 -3.33 10.93 15.89
N GLU A 151 -2.98 11.84 16.79
CA GLU A 151 -1.61 12.37 16.83
C GLU A 151 -0.64 11.26 17.21
N LYS A 152 -0.93 10.56 18.31
CA LYS A 152 -0.06 9.49 18.79
C LYS A 152 -0.14 8.26 17.90
N ILE A 153 -1.33 7.97 17.36
CA ILE A 153 -1.48 6.84 16.44
C ILE A 153 -0.62 7.04 15.21
N ARG A 154 -0.66 8.25 14.64
CA ARG A 154 0.18 8.54 13.48
CA ARG A 154 0.19 8.55 13.49
C ARG A 154 1.66 8.25 13.79
N GLU A 155 2.15 8.74 14.93
CA GLU A 155 3.54 8.51 15.31
C GLU A 155 3.86 7.03 15.44
N TRP A 156 2.96 6.28 16.08
CA TRP A 156 3.24 4.88 16.34
C TRP A 156 3.09 4.05 15.08
N HIS A 157 2.14 4.43 14.22
CA HIS A 157 2.04 3.80 12.91
C HIS A 157 3.33 3.98 12.14
N ASN A 158 3.93 5.16 12.21
CA ASN A 158 5.13 5.44 11.42
C ASN A 158 6.30 4.55 11.81
N GLY A 159 6.50 4.35 13.12
CA GLY A 159 7.59 3.47 13.55
C GLY A 159 7.36 2.02 13.15
N ILE A 160 6.14 1.53 13.30
CA ILE A 160 5.82 0.16 12.88
C ILE A 160 5.97 0.01 11.37
N ALA A 161 5.49 1.00 10.59
CA ALA A 161 5.68 0.95 9.16
C ALA A 161 7.17 0.88 8.81
N LYS A 162 8.00 1.71 9.47
CA LYS A 162 9.43 1.68 9.20
C LYS A 162 10.01 0.26 9.32
N PHE A 163 9.60 -0.47 10.36
CA PHE A 163 10.05 -1.84 10.55
C PHE A 163 9.56 -2.72 9.40
N ILE A 164 8.28 -2.60 9.06
CA ILE A 164 7.71 -3.50 8.06
C ILE A 164 8.37 -3.32 6.70
N THR A 165 8.81 -2.09 6.38
CA THR A 165 9.21 -1.72 5.03
C THR A 165 10.72 -1.52 4.87
N SER A 166 11.53 -2.01 5.82
CA SER A 166 12.96 -1.75 5.79
C SER A 166 13.77 -3.03 5.72
N PHE A 167 15.03 -2.89 5.36
CA PHE A 167 15.99 -3.98 5.36
C PHE A 167 17.16 -3.58 6.25
N ASN A 168 17.61 -4.53 7.08
CA ASN A 168 18.82 -4.37 7.87
C ASN A 168 18.80 -3.08 8.68
N LEU A 169 17.78 -2.95 9.53
CA LEU A 169 17.71 -1.81 10.44
C LEU A 169 18.75 -1.94 11.52
N ASN A 170 19.23 -0.79 12.01
CA ASN A 170 20.20 -0.78 13.10
C ASN A 170 19.50 -0.91 14.44
N ASP A 171 20.21 -1.52 15.40
CA ASP A 171 19.60 -1.93 16.67
C ASP A 171 18.80 -0.82 17.35
N GLU A 172 19.28 0.42 17.28
CA GLU A 172 18.51 1.55 17.81
C GLU A 172 17.19 1.72 17.08
N GLU A 173 17.16 1.41 15.79
CA GLU A 173 15.92 1.55 15.03
C GLU A 173 14.91 0.49 15.43
N ILE A 174 15.31 -0.78 15.46
CA ILE A 174 14.39 -1.82 15.92
C ILE A 174 13.80 -1.46 17.29
N LYS A 175 14.61 -0.94 18.20
CA LYS A 175 14.09 -0.59 19.51
C LYS A 175 12.94 0.40 19.39
N TYR A 176 13.15 1.48 18.63
CA TYR A 176 12.12 2.51 18.51
C TYR A 176 10.84 1.94 17.88
N SER A 177 11.01 1.05 16.90
CA SER A 177 9.86 0.45 16.24
C SER A 177 9.10 -0.47 17.19
N LEU A 178 9.81 -1.17 18.08
CA LEU A 178 9.13 -2.06 19.01
C LEU A 178 8.43 -1.27 20.10
N GLU A 179 9.05 -0.17 20.54
N GLU A 179 9.00 -0.13 20.52
CA GLU A 179 8.35 0.76 21.44
CA GLU A 179 8.28 0.69 21.49
C GLU A 179 7.04 1.21 20.81
C GLU A 179 7.05 1.35 20.85
N CYS A 180 7.11 1.67 19.56
CA CYS A 180 5.90 2.10 18.87
C CYS A 180 4.85 1.00 18.91
N SER A 181 5.27 -0.24 18.62
CA SER A 181 4.34 -1.35 18.58
C SER A 181 3.76 -1.64 19.96
N ASP A 182 4.54 -1.46 21.02
CA ASP A 182 4.04 -1.69 22.36
C ASP A 182 3.02 -0.62 22.75
N LYS A 183 3.35 0.65 22.51
CA LYS A 183 2.43 1.75 22.82
C LYS A 183 1.10 1.57 22.09
N LEU A 184 1.15 1.25 20.80
CA LEU A 184 -0.09 0.99 20.05
C LEU A 184 -0.88 -0.16 20.66
N GLU A 185 -0.21 -1.27 21.01
CA GLU A 185 -0.88 -2.35 21.72
C GLU A 185 -1.44 -1.88 23.06
N ASN A 186 -0.66 -1.13 23.82
CA ASN A 186 -1.13 -0.64 25.12
C ASN A 186 -2.36 0.23 24.96
N TYR A 187 -2.46 0.95 23.84
CA TYR A 187 -3.62 1.78 23.58
C TYR A 187 -4.81 0.95 23.10
N LEU A 188 -4.57 0.07 22.10
CA LEU A 188 -5.65 -0.63 21.41
C LEU A 188 -6.26 -1.77 22.20
N MET A 189 -5.47 -2.50 23.00
CA MET A 189 -6.00 -3.63 23.76
C MET A 189 -7.21 -3.29 24.62
N PRO A 190 -7.20 -2.23 25.44
CA PRO A 190 -8.41 -1.91 26.20
C PRO A 190 -9.61 -1.63 25.31
N LEU A 191 -9.40 -1.03 24.13
CA LEU A 191 -10.55 -0.74 23.27
C LEU A 191 -11.14 -2.02 22.69
N ILE A 192 -10.29 -2.96 22.26
CA ILE A 192 -10.79 -4.26 21.85
C ILE A 192 -11.62 -4.89 22.95
N LYS A 193 -11.20 -4.74 24.22
CA LYS A 193 -11.96 -5.31 25.33
C LYS A 193 -13.25 -4.54 25.61
N ASP A 194 -13.26 -3.21 25.44
CA ASP A 194 -14.50 -2.44 25.56
C ASP A 194 -15.48 -2.82 24.45
N ARG A 195 -14.99 -2.87 23.22
CA ARG A 195 -15.80 -3.33 22.11
C ARG A 195 -16.32 -4.75 22.33
N LYS A 196 -15.64 -5.53 23.16
CA LYS A 196 -16.00 -6.92 23.37
C LYS A 196 -17.38 -7.05 24.01
N LYS A 197 -17.69 -6.20 24.99
CA LYS A 197 -18.99 -6.26 25.66
C LYS A 197 -19.93 -5.15 25.24
N SER A 198 -19.49 -4.26 24.36
CA SER A 198 -20.34 -3.21 23.78
C SER A 198 -20.02 -3.17 22.30
N THR A 199 -20.63 -4.10 21.57
CA THR A 199 -20.32 -4.28 20.15
C THR A 199 -20.93 -3.15 19.33
N LYS A 200 -20.13 -2.64 18.39
CA LYS A 200 -20.49 -1.55 17.49
C LYS A 200 -20.50 -2.09 16.05
N ASP A 201 -20.58 -1.19 15.08
CA ASP A 201 -20.59 -1.55 13.66
C ASP A 201 -19.31 -1.02 13.03
N ASP A 202 -18.22 -1.74 13.27
CA ASP A 202 -16.90 -1.36 12.77
C ASP A 202 -16.11 -2.64 12.59
N LEU A 203 -14.89 -2.51 12.05
CA LEU A 203 -14.10 -3.69 11.71
C LEU A 203 -13.68 -4.47 12.96
N ILE A 204 -13.39 -3.78 14.07
CA ILE A 204 -12.98 -4.47 15.29
C ILE A 204 -14.12 -5.32 15.82
N SER A 205 -15.35 -4.82 15.71
CA SER A 205 -16.51 -5.60 16.15
C SER A 205 -16.71 -6.83 15.28
N ILE A 206 -16.49 -6.68 13.97
CA ILE A 206 -16.55 -7.84 13.08
C ILE A 206 -15.56 -8.92 13.52
N LEU A 207 -14.32 -8.52 13.78
CA LEU A 207 -13.32 -9.50 14.21
C LEU A 207 -13.68 -10.07 15.56
N LEU A 208 -14.36 -9.28 16.37
CA LEU A 208 -14.73 -9.67 17.72
C LEU A 208 -15.80 -10.75 17.70
N GLU A 209 -16.77 -10.63 16.79
CA GLU A 209 -17.85 -11.60 16.63
CA GLU A 209 -17.84 -11.62 16.64
C GLU A 209 -17.52 -12.69 15.62
N TYR A 210 -16.35 -12.63 15.00
CA TYR A 210 -15.91 -13.72 14.14
C TYR A 210 -15.91 -15.02 14.95
N LYS A 211 -16.45 -16.07 14.37
CA LYS A 211 -16.45 -17.40 14.99
C LYS A 211 -16.07 -18.45 13.95
N ASN A 212 -15.20 -19.37 14.32
CA ASN A 212 -14.76 -20.47 13.46
C ASN A 212 -14.96 -21.77 14.22
N ASP A 213 -16.06 -22.46 13.92
CA ASP A 213 -16.44 -23.70 14.60
C ASP A 213 -16.57 -23.47 16.10
N GLU A 214 -17.42 -22.50 16.45
CA GLU A 214 -17.73 -22.14 17.84
C GLU A 214 -16.46 -21.87 18.64
N ASN A 215 -15.58 -21.05 18.05
CA ASN A 215 -14.27 -20.78 18.63
C ASN A 215 -13.84 -19.40 18.15
N SER A 216 -14.00 -18.40 19.01
CA SER A 216 -13.55 -17.05 18.71
C SER A 216 -12.02 -17.00 18.64
N ILE A 217 -11.50 -15.98 17.98
CA ILE A 217 -10.06 -15.80 17.94
C ILE A 217 -9.62 -14.98 19.15
N SER A 218 -8.42 -15.27 19.64
CA SER A 218 -7.87 -14.61 20.82
C SER A 218 -7.83 -13.10 20.64
N ASP A 219 -7.79 -12.39 21.77
CA ASP A 219 -7.73 -10.93 21.74
C ASP A 219 -6.46 -10.44 21.05
N THR A 220 -5.33 -11.10 21.29
CA THR A 220 -4.10 -10.67 20.65
C THR A 220 -4.08 -10.97 19.15
N GLU A 221 -4.81 -12.00 18.72
CA GLU A 221 -4.99 -12.19 17.27
C GLU A 221 -5.81 -11.07 16.68
N ILE A 222 -6.85 -10.64 17.38
CA ILE A 222 -7.63 -9.49 16.91
C ILE A 222 -6.75 -8.27 16.82
N LEU A 223 -5.95 -8.03 17.86
CA LEU A 223 -5.00 -6.92 17.82
C LEU A 223 -4.11 -7.00 16.59
N ALA A 224 -3.53 -8.17 16.31
CA ALA A 224 -2.67 -8.32 15.14
C ALA A 224 -3.41 -7.97 13.85
N LEU A 225 -4.62 -8.51 13.67
CA LEU A 225 -5.37 -8.19 12.46
C LEU A 225 -5.68 -6.70 12.40
N SER A 226 -6.08 -6.11 13.54
CA SER A 226 -6.39 -4.68 13.57
C SER A 226 -5.16 -3.84 13.23
N LEU A 227 -4.02 -4.20 13.81
CA LEU A 227 -2.75 -3.56 13.44
C LEU A 227 -2.45 -3.73 11.97
N ASN A 228 -2.70 -4.93 11.43
CA ASN A 228 -2.46 -5.15 10.02
C ASN A 228 -3.30 -4.20 9.17
N VAL A 229 -4.57 -4.05 9.53
CA VAL A 229 -5.44 -3.18 8.75
C VAL A 229 -5.04 -1.73 8.93
N LEU A 230 -4.75 -1.32 10.18
CA LEU A 230 -4.34 0.05 10.44
C LEU A 230 -3.14 0.44 9.57
N LEU A 231 -2.10 -0.40 9.57
CA LEU A 231 -0.91 -0.12 8.76
CA LEU A 231 -0.92 -0.11 8.76
C LEU A 231 -1.24 -0.10 7.28
N ALA A 232 -2.03 -1.07 6.82
CA ALA A 232 -2.23 -1.24 5.39
C ALA A 232 -3.18 -0.19 4.83
N ALA A 233 -4.24 0.14 5.56
CA ALA A 233 -5.19 1.15 5.11
C ALA A 233 -4.60 2.55 5.10
N THR A 234 -3.48 2.78 5.79
CA THR A 234 -2.87 4.09 5.92
C THR A 234 -1.80 4.36 4.88
N GLU A 235 -0.83 3.42 4.75
CA GLU A 235 0.45 3.73 4.12
C GLU A 235 0.35 4.01 2.62
N PRO A 236 -0.17 3.12 1.77
CA PRO A 236 -0.13 3.41 0.32
C PRO A 236 -1.12 4.47 -0.12
N VAL A 237 -2.22 4.66 0.59
CA VAL A 237 -3.28 5.53 0.11
C VAL A 237 -2.80 6.98 -0.02
N ASP A 238 -1.99 7.47 0.93
CA ASP A 238 -1.57 8.88 0.90
C ASP A 238 -0.58 9.16 -0.23
N LYS A 239 0.35 8.21 -0.48
CA LYS A 239 1.27 8.34 -1.60
C LYS A 239 0.52 8.39 -2.91
N THR A 240 -0.43 7.48 -3.10
CA THR A 240 -1.20 7.43 -4.34
C THR A 240 -1.90 8.75 -4.61
N LEU A 241 -2.51 9.35 -3.59
CA LEU A 241 -3.22 10.61 -3.83
C LEU A 241 -2.29 11.69 -4.37
N ALA A 242 -1.10 11.81 -3.80
CA ALA A 242 -0.14 12.80 -4.25
C ALA A 242 0.38 12.47 -5.66
N TYR A 243 0.61 11.19 -5.94
CA TYR A 243 1.04 10.79 -7.29
C TYR A 243 -0.03 11.11 -8.31
N LEU A 244 -1.30 10.93 -7.92
CA LEU A 244 -2.40 11.14 -8.86
C LEU A 244 -2.43 12.58 -9.35
N PHE A 245 -2.35 13.52 -8.40
CA PHE A 245 -2.45 14.93 -8.79
C PHE A 245 -1.16 15.42 -9.42
N TYR A 246 -0.03 14.91 -8.99
CA TYR A 246 1.21 15.28 -9.67
C TYR A 246 1.19 14.84 -11.12
N ASN A 247 0.89 13.55 -11.37
CA ASN A 247 0.87 13.06 -12.75
C ASN A 247 -0.14 13.80 -13.60
N LEU A 248 -1.33 14.08 -13.05
CA LEU A 248 -2.32 14.77 -13.86
C LEU A 248 -1.86 16.18 -14.15
N LEU A 249 -1.29 16.87 -13.15
CA LEU A 249 -0.87 18.23 -13.38
C LEU A 249 0.32 18.28 -14.32
N LYS A 250 1.20 17.27 -14.29
CA LYS A 250 2.30 17.21 -15.22
C LYS A 250 1.85 16.86 -16.63
N ASN A 251 0.58 16.51 -16.85
CA ASN A 251 0.04 16.22 -18.18
C ASN A 251 -1.23 17.04 -18.30
N PRO A 252 -1.11 18.33 -18.55
CA PRO A 252 -2.30 19.20 -18.52
C PRO A 252 -3.45 18.67 -19.35
N GLU A 253 -3.16 18.12 -20.53
CA GLU A 253 -4.23 17.67 -21.41
C GLU A 253 -5.07 16.59 -20.75
N GLN A 254 -4.42 15.73 -19.97
CA GLN A 254 -5.11 14.64 -19.31
C GLN A 254 -5.85 15.15 -18.08
N PHE A 255 -5.27 16.12 -17.39
CA PHE A 255 -6.00 16.78 -16.31
C PHE A 255 -7.30 17.39 -16.83
N GLU A 256 -7.26 18.02 -18.01
CA GLU A 256 -8.46 18.64 -18.58
C GLU A 256 -9.52 17.59 -18.91
N SER A 257 -9.13 16.48 -19.54
CA SER A 257 -10.07 15.40 -19.84
C SER A 257 -10.72 14.87 -18.57
N VAL A 258 -9.94 14.73 -17.49
CA VAL A 258 -10.50 14.37 -16.19
C VAL A 258 -11.50 15.42 -15.74
N LYS A 259 -11.10 16.69 -15.73
CA LYS A 259 -12.00 17.74 -15.28
C LYS A 259 -13.29 17.75 -16.09
N ASN A 260 -13.18 17.61 -17.42
CA ASN A 260 -14.35 17.63 -18.28
C ASN A 260 -15.21 16.38 -18.11
N ASN A 261 -14.59 15.23 -17.87
CA ASN A 261 -15.29 13.96 -17.75
C ASN A 261 -14.84 13.25 -16.48
N PRO A 262 -15.54 13.46 -15.36
CA PRO A 262 -15.09 12.88 -14.09
C PRO A 262 -15.06 11.36 -14.09
N LYS A 263 -15.79 10.70 -14.97
CA LYS A 263 -15.71 9.25 -14.98
C LYS A 263 -14.27 8.76 -15.24
N LEU A 264 -13.43 9.57 -15.88
CA LEU A 264 -12.05 9.22 -16.16
C LEU A 264 -11.18 9.16 -14.91
N ILE A 265 -11.70 9.55 -13.74
CA ILE A 265 -10.85 9.59 -12.55
CA ILE A 265 -10.84 9.59 -12.56
C ILE A 265 -10.45 8.20 -12.12
N LYS A 266 -11.35 7.23 -12.21
CA LYS A 266 -10.98 5.86 -11.87
C LYS A 266 -9.83 5.36 -12.75
N ASN A 267 -9.94 5.54 -14.07
CA ASN A 267 -8.83 5.15 -14.94
C ASN A 267 -7.57 5.90 -14.58
N ALA A 268 -7.69 7.17 -14.17
CA ALA A 268 -6.51 7.95 -13.80
C ALA A 268 -5.89 7.41 -12.53
N ILE A 269 -6.73 6.93 -11.61
CA ILE A 269 -6.22 6.32 -10.39
C ILE A 269 -5.52 4.99 -10.73
N ILE A 270 -6.15 4.18 -11.57
CA ILE A 270 -5.56 2.89 -11.91
C ILE A 270 -4.22 3.11 -12.62
N GLU A 271 -4.14 4.12 -13.48
CA GLU A 271 -2.91 4.33 -14.22
C GLU A 271 -1.82 4.88 -13.32
N THR A 272 -2.21 5.65 -12.30
CA THR A 272 -1.25 6.13 -11.31
C THR A 272 -0.69 4.95 -10.51
N LEU A 273 -1.54 3.98 -10.17
CA LEU A 273 -1.05 2.84 -9.41
C LEU A 273 -0.10 1.99 -10.25
N ARG A 274 -0.42 1.83 -11.54
CA ARG A 274 0.48 1.14 -12.46
C ARG A 274 1.81 1.87 -12.57
N TYR A 275 1.75 3.19 -12.82
CA TYR A 275 2.94 3.98 -13.14
C TYR A 275 3.85 4.18 -11.92
N ASN A 276 3.27 4.34 -10.74
N ASN A 276 3.27 4.56 -10.80
CA ASN A 276 4.05 4.61 -9.54
CA ASN A 276 4.01 4.73 -9.54
C ASN A 276 4.14 3.45 -8.57
C ASN A 276 3.36 3.82 -8.53
N SER A 277 3.20 2.50 -8.62
N SER A 277 3.60 2.52 -8.69
CA SER A 277 3.16 1.33 -7.72
CA SER A 277 3.17 1.50 -7.75
C SER A 277 3.64 1.63 -6.30
C SER A 277 3.69 1.86 -6.36
N PRO A 278 2.79 2.19 -5.44
CA PRO A 278 3.24 2.58 -4.09
C PRO A 278 3.74 1.44 -3.26
N VAL A 279 3.22 0.23 -3.43
CA VAL A 279 3.81 -0.95 -2.81
C VAL A 279 4.68 -1.57 -3.89
N GLN A 280 6.00 -1.45 -3.74
CA GLN A 280 6.99 -1.75 -4.78
C GLN A 280 7.51 -3.18 -4.74
N LEU A 281 7.49 -3.80 -3.55
CA LEU A 281 8.07 -5.13 -3.35
C LEU A 281 7.07 -6.05 -2.71
N ILE A 282 7.08 -7.32 -3.13
CA ILE A 282 6.35 -8.39 -2.44
C ILE A 282 7.22 -9.63 -2.24
N PRO A 283 7.64 -9.96 -1.03
CA PRO A 283 8.48 -11.14 -0.83
C PRO A 283 7.69 -12.44 -0.71
N ARG A 284 8.34 -13.52 -1.12
CA ARG A 284 7.84 -14.89 -1.04
C ARG A 284 9.04 -15.79 -0.75
N GLN A 285 8.78 -16.95 -0.15
CA GLN A 285 9.81 -17.96 0.07
C GLN A 285 9.60 -19.14 -0.88
N VAL A 286 10.68 -19.61 -1.48
CA VAL A 286 10.63 -20.71 -2.44
C VAL A 286 10.50 -22.03 -1.70
N SER A 287 9.46 -22.81 -2.02
CA SER A 287 9.22 -24.01 -1.23
C SER A 287 10.04 -25.22 -1.72
N LYS A 288 10.57 -25.20 -2.93
CA LYS A 288 11.27 -26.36 -3.49
C LYS A 288 12.16 -25.89 -4.64
N PRO A 289 13.13 -26.71 -5.08
CA PRO A 289 13.95 -26.32 -6.25
C PRO A 289 13.11 -25.86 -7.43
N PHE A 290 13.60 -24.83 -8.12
CA PHE A 290 12.81 -24.15 -9.13
C PHE A 290 13.72 -23.27 -9.95
N ILE A 291 13.35 -23.02 -11.21
CA ILE A 291 14.17 -22.20 -12.11
C ILE A 291 13.27 -21.22 -12.87
N PHE A 292 13.68 -19.95 -12.89
CA PHE A 292 13.10 -18.93 -13.76
C PHE A 292 14.19 -18.45 -14.70
N ASN A 293 13.87 -18.37 -16.00
CA ASN A 293 14.87 -18.01 -17.00
C ASN A 293 16.00 -19.05 -16.95
N ASN A 294 17.20 -18.70 -16.46
CA ASN A 294 18.18 -19.75 -16.16
C ASN A 294 18.77 -19.60 -14.76
N THR A 295 17.99 -19.04 -13.84
CA THR A 295 18.46 -18.81 -12.48
C THR A 295 17.86 -19.88 -11.57
N GLU A 296 18.72 -20.68 -10.95
CA GLU A 296 18.30 -21.78 -10.09
CA GLU A 296 18.28 -21.78 -10.09
C GLU A 296 17.97 -21.27 -8.70
N LEU A 297 16.83 -21.69 -8.16
CA LEU A 297 16.39 -21.35 -6.82
C LEU A 297 16.26 -22.64 -6.02
N GLN A 298 16.52 -22.54 -4.71
CA GLN A 298 16.44 -23.67 -3.78
C GLN A 298 15.36 -23.45 -2.74
N ALA A 299 14.90 -24.54 -2.14
CA ALA A 299 13.97 -24.47 -1.03
C ALA A 299 14.55 -23.58 0.06
N GLY A 300 13.74 -22.67 0.55
CA GLY A 300 14.19 -21.69 1.52
C GLY A 300 14.70 -20.39 0.94
N ASP A 301 14.94 -20.30 -0.37
CA ASP A 301 15.35 -19.01 -0.94
C ASP A 301 14.20 -18.02 -0.85
N THR A 302 14.55 -16.75 -0.91
CA THR A 302 13.56 -15.68 -0.91
C THR A 302 13.53 -15.01 -2.27
N VAL A 303 12.34 -14.86 -2.84
CA VAL A 303 12.19 -14.05 -4.05
C VAL A 303 11.36 -12.83 -3.67
N ILE A 304 11.71 -11.68 -4.25
CA ILE A 304 11.02 -10.41 -3.98
C ILE A 304 10.50 -9.92 -5.32
N CYS A 305 9.18 -9.90 -5.47
CA CYS A 305 8.58 -9.42 -6.70
C CYS A 305 8.68 -7.91 -6.78
N MET A 306 9.06 -7.41 -7.95
CA MET A 306 9.34 -5.98 -8.12
C MET A 306 8.09 -5.45 -8.86
N ILE A 307 7.13 -4.95 -8.08
CA ILE A 307 5.82 -4.57 -8.63
C ILE A 307 5.96 -3.42 -9.59
N GLY A 308 6.74 -2.40 -9.22
CA GLY A 308 6.90 -1.28 -10.13
C GLY A 308 7.55 -1.70 -11.44
N SER A 309 8.55 -2.58 -11.36
CA SER A 309 9.20 -3.04 -12.59
C SER A 309 8.24 -3.82 -13.46
N ALA A 310 7.51 -4.76 -12.85
CA ALA A 310 6.55 -5.57 -13.60
C ALA A 310 5.51 -4.72 -14.30
N ASN A 311 5.02 -3.68 -13.61
CA ASN A 311 3.98 -2.80 -14.13
C ASN A 311 4.47 -1.91 -15.26
N ARG A 312 5.79 -1.86 -15.48
CA ARG A 312 6.38 -1.10 -16.58
C ARG A 312 7.00 -2.01 -17.62
N ASP A 313 6.64 -3.29 -17.61
CA ASP A 313 7.23 -4.29 -18.51
C ASP A 313 6.70 -4.09 -19.93
N PRO A 314 7.57 -3.84 -20.92
CA PRO A 314 7.05 -3.66 -22.28
C PRO A 314 6.41 -4.91 -22.87
N GLU A 315 6.63 -6.09 -22.28
CA GLU A 315 5.86 -7.27 -22.68
C GLU A 315 4.41 -7.16 -22.20
N ALA A 316 4.13 -6.31 -21.22
CA ALA A 316 2.78 -6.21 -20.68
C ALA A 316 2.04 -4.96 -21.15
N TYR A 317 2.75 -3.88 -21.47
CA TYR A 317 2.20 -2.57 -21.79
C TYR A 317 3.03 -1.93 -22.88
N SER A 318 2.35 -1.34 -23.87
CA SER A 318 3.04 -0.50 -24.84
C SER A 318 3.32 0.87 -24.21
N ASN A 319 4.46 1.46 -24.57
CA ASN A 319 4.99 2.70 -23.99
C ASN A 319 4.85 2.68 -22.47
N PRO A 320 5.45 1.72 -21.77
CA PRO A 320 5.15 1.51 -20.34
C PRO A 320 5.66 2.62 -19.44
N ASP A 321 6.70 3.35 -19.85
CA ASP A 321 7.24 4.40 -19.01
C ASP A 321 6.56 5.75 -19.23
N GLU A 322 5.42 5.75 -19.91
CA GLU A 322 4.65 6.96 -20.14
CA GLU A 322 4.65 6.96 -20.13
C GLU A 322 3.35 6.86 -19.34
N PHE A 323 2.98 7.97 -18.68
CA PHE A 323 1.70 8.05 -17.98
C PHE A 323 0.61 8.39 -18.97
N ASN A 324 -0.42 7.55 -19.05
CA ASN A 324 -1.49 7.74 -20.04
C ASN A 324 -2.76 7.15 -19.42
N ILE A 325 -3.68 8.03 -18.99
CA ILE A 325 -4.91 7.57 -18.35
C ILE A 325 -5.87 6.90 -19.33
N HIS A 326 -5.58 6.92 -20.62
CA HIS A 326 -6.48 6.40 -21.64
C HIS A 326 -6.14 4.99 -22.11
N ARG A 327 -5.27 4.29 -21.39
CA ARG A 327 -4.89 2.93 -21.76
C ARG A 327 -6.10 2.01 -21.76
N SER A 328 -6.18 1.15 -22.76
CA SER A 328 -7.27 0.18 -22.89
C SER A 328 -6.74 -1.03 -23.64
N SER A 329 -7.63 -1.99 -23.90
CA SER A 329 -7.26 -3.18 -24.69
C SER A 329 -8.41 -3.63 -25.61
N THR A 336 1.37 -7.97 -26.77
CA THR A 336 0.46 -7.35 -25.81
C THR A 336 0.74 -5.85 -25.70
N SER A 337 -0.32 -5.05 -25.56
CA SER A 337 -0.19 -3.64 -25.31
C SER A 337 -0.88 -3.15 -24.04
N HIS A 338 -1.66 -3.99 -23.35
CA HIS A 338 -2.23 -3.63 -22.05
C HIS A 338 -2.57 -4.91 -21.28
N SER A 339 -2.31 -4.89 -19.97
CA SER A 339 -2.57 -6.02 -19.09
C SER A 339 -3.08 -5.47 -17.76
N GLN A 340 -3.61 -6.35 -16.91
CA GLN A 340 -4.00 -5.92 -15.57
C GLN A 340 -2.76 -5.62 -14.75
N ASN A 341 -2.74 -4.48 -14.07
CA ASN A 341 -1.51 -4.18 -13.36
C ASN A 341 -1.41 -5.05 -12.12
N LEU A 342 -0.21 -5.08 -11.54
CA LEU A 342 0.01 -5.88 -10.35
C LEU A 342 0.08 -5.02 -9.09
N SER A 343 -0.53 -3.82 -9.13
CA SER A 343 -0.38 -2.84 -8.04
C SER A 343 -0.95 -3.36 -6.74
N PHE A 344 -1.97 -4.19 -6.84
CA PHE A 344 -2.60 -4.83 -5.70
C PHE A 344 -2.25 -6.30 -5.59
N GLY A 345 -1.18 -6.75 -6.30
CA GLY A 345 -0.79 -8.15 -6.29
C GLY A 345 -1.80 -8.96 -7.09
N THR A 346 -1.75 -10.27 -6.91
CA THR A 346 -2.66 -11.16 -7.62
C THR A 346 -2.65 -12.52 -6.95
N GLY A 347 -3.71 -13.26 -7.20
CA GLY A 347 -3.77 -14.60 -6.65
C GLY A 347 -4.32 -14.58 -5.24
N VAL A 348 -3.91 -15.57 -4.44
CA VAL A 348 -4.51 -15.78 -3.12
C VAL A 348 -4.46 -14.52 -2.25
N HIS A 349 -3.37 -13.77 -2.31
CA HIS A 349 -3.19 -12.67 -1.37
C HIS A 349 -3.44 -11.31 -2.00
N THR A 350 -4.19 -11.25 -3.12
CA THR A 350 -4.53 -9.96 -3.72
CA THR A 350 -4.53 -9.96 -3.73
C THR A 350 -5.18 -9.04 -2.69
N CYS A 351 -4.84 -7.76 -2.77
CA CYS A 351 -5.19 -6.78 -1.73
C CYS A 351 -6.66 -6.82 -1.38
N VAL A 352 -6.96 -7.13 -0.11
CA VAL A 352 -8.37 -7.09 0.32
C VAL A 352 -8.92 -5.66 0.20
N GLY A 353 -8.06 -4.65 0.35
CA GLY A 353 -8.56 -3.28 0.32
C GLY A 353 -8.58 -2.62 -1.06
N ALA A 354 -8.47 -3.41 -2.15
CA ALA A 354 -8.28 -2.84 -3.50
C ALA A 354 -9.47 -2.00 -3.94
N SER A 355 -10.67 -2.59 -3.91
CA SER A 355 -11.89 -1.85 -4.26
C SER A 355 -12.10 -0.63 -3.35
N PHE A 356 -11.93 -0.80 -2.04
CA PHE A 356 -12.10 0.30 -1.11
C PHE A 356 -11.11 1.43 -1.41
N SER A 357 -9.86 1.08 -1.69
CA SER A 357 -8.84 2.04 -2.10
C SER A 357 -9.33 2.89 -3.26
N LEU A 358 -9.85 2.25 -4.31
CA LEU A 358 -10.22 2.98 -5.51
C LEU A 358 -11.39 3.91 -5.21
N ILE A 359 -12.33 3.46 -4.37
CA ILE A 359 -13.49 4.29 -4.02
C ILE A 359 -13.09 5.47 -3.14
N GLN A 360 -12.23 5.23 -2.16
CA GLN A 360 -11.69 6.27 -1.30
C GLN A 360 -11.00 7.35 -2.13
N LEU A 361 -10.13 6.93 -3.02
CA LEU A 361 -9.32 7.86 -3.78
C LEU A 361 -10.17 8.62 -4.77
N GLU A 362 -11.20 7.97 -5.32
CA GLU A 362 -12.04 8.71 -6.25
C GLU A 362 -12.87 9.75 -5.50
N MET A 363 -13.32 9.42 -4.29
CA MET A 363 -14.23 10.36 -3.65
C MET A 363 -13.39 11.55 -3.18
N VAL A 364 -12.17 11.29 -2.67
CA VAL A 364 -11.27 12.38 -2.29
C VAL A 364 -10.89 13.21 -3.52
N ALA A 365 -10.61 12.55 -4.65
CA ALA A 365 -10.21 13.31 -5.83
C ALA A 365 -11.33 14.23 -6.29
N ILE A 366 -12.57 13.74 -6.22
CA ILE A 366 -13.71 14.53 -6.65
C ILE A 366 -13.87 15.77 -5.77
N LEU A 367 -13.67 15.62 -4.45
CA LEU A 367 -13.87 16.75 -3.55
C LEU A 367 -12.79 17.80 -3.74
N LEU A 368 -11.55 17.35 -3.92
CA LEU A 368 -10.46 18.29 -4.18
C LEU A 368 -10.72 19.08 -5.47
N LEU A 369 -11.06 18.37 -6.56
CA LEU A 369 -11.40 19.05 -7.82
C LEU A 369 -12.60 19.97 -7.66
N LYS A 370 -13.62 19.55 -6.90
CA LYS A 370 -14.81 20.39 -6.73
C LYS A 370 -14.49 21.67 -5.95
N ARG A 371 -13.74 21.54 -4.86
CA ARG A 371 -13.64 22.67 -3.92
C ARG A 371 -12.44 23.55 -4.17
N LEU A 372 -11.32 22.99 -4.63
CA LEU A 372 -10.13 23.77 -4.96
C LEU A 372 -10.19 24.10 -6.46
N LYS A 373 -10.48 25.37 -6.79
CA LYS A 373 -10.66 25.75 -8.17
C LYS A 373 -9.34 26.20 -8.80
N ASN A 374 -9.18 25.86 -10.08
CA ASN A 374 -7.98 26.16 -10.86
C ASN A 374 -6.71 25.73 -10.12
N ILE A 375 -6.62 24.43 -9.87
CA ILE A 375 -5.44 23.89 -9.22
C ILE A 375 -4.22 24.12 -10.11
N LYS A 376 -3.13 24.56 -9.49
CA LYS A 376 -1.83 24.67 -10.15
CA LYS A 376 -1.83 24.67 -10.15
C LYS A 376 -0.78 23.97 -9.30
N LEU A 377 0.19 23.36 -9.98
CA LEU A 377 1.28 22.66 -9.31
C LEU A 377 2.30 23.65 -8.76
N LYS A 378 2.63 23.52 -7.47
CA LYS A 378 3.73 24.29 -6.89
C LYS A 378 5.00 23.46 -6.74
N THR A 379 4.87 22.14 -6.53
CA THR A 379 6.02 21.23 -6.50
C THR A 379 6.28 20.74 -7.92
N MET A 380 7.02 21.54 -8.68
CA MET A 380 7.23 21.20 -10.10
C MET A 380 8.05 19.95 -10.28
N GLU A 381 8.91 19.59 -9.33
CA GLU A 381 9.67 18.34 -9.39
C GLU A 381 9.64 17.66 -8.01
N ILE A 382 8.95 16.52 -7.91
CA ILE A 382 8.92 15.79 -6.64
C ILE A 382 10.25 15.06 -6.43
N THR A 383 10.54 14.79 -5.17
CA THR A 383 11.53 13.77 -4.80
C THR A 383 10.82 12.61 -4.13
N GLU A 384 11.20 11.40 -4.50
CA GLU A 384 10.55 10.20 -4.02
C GLU A 384 11.50 9.44 -3.12
N HIS A 385 10.94 8.77 -2.11
CA HIS A 385 11.76 8.01 -1.18
CA HIS A 385 11.74 8.03 -1.14
C HIS A 385 11.05 6.71 -0.85
N GLY A 386 11.85 5.73 -0.42
CA GLY A 386 11.35 4.39 -0.11
C GLY A 386 11.58 3.43 -1.26
N ILE A 387 12.11 2.24 -0.99
CA ILE A 387 12.17 1.20 -2.02
C ILE A 387 11.14 0.12 -1.79
N TYR A 388 10.57 0.01 -0.60
CA TYR A 388 9.56 -1.01 -0.35
C TYR A 388 8.17 -0.43 -0.52
N THR A 389 7.86 0.63 0.20
CA THR A 389 6.80 1.55 -0.17
C THR A 389 7.44 2.85 -0.61
N ARG A 390 6.80 3.55 -1.55
CA ARG A 390 7.48 4.65 -2.24
C ARG A 390 6.48 5.74 -2.58
N GLY A 391 6.86 6.99 -2.31
CA GLY A 391 6.00 8.12 -2.59
C GLY A 391 6.78 9.42 -2.51
N PRO A 392 6.15 10.52 -2.90
CA PRO A 392 6.83 11.82 -2.84
C PRO A 392 6.93 12.30 -1.41
N LYS A 393 7.99 13.04 -1.12
CA LYS A 393 8.11 13.61 0.21
C LYS A 393 7.15 14.80 0.38
N SER A 394 6.85 15.50 -0.72
CA SER A 394 5.95 16.64 -0.67
C SER A 394 5.37 16.85 -2.07
N MET A 395 4.19 17.46 -2.12
CA MET A 395 3.49 17.65 -3.39
C MET A 395 2.47 18.77 -3.22
N VAL A 396 2.95 19.99 -3.26
CA VAL A 396 2.16 21.16 -2.93
C VAL A 396 1.40 21.65 -4.16
N ILE A 397 0.15 22.04 -3.95
CA ILE A 397 -0.63 22.69 -5.00
C ILE A 397 -1.17 23.99 -4.45
N SER A 398 -1.44 24.94 -5.34
CA SER A 398 -2.19 26.14 -5.01
C SER A 398 -3.54 26.10 -5.72
N PHE A 399 -4.43 27.00 -5.30
CA PHE A 399 -5.79 27.06 -5.83
C PHE A 399 -6.37 28.43 -5.50
N ASP A 400 -7.57 28.68 -6.05
CA ASP A 400 -8.26 29.96 -5.87
C ASP A 400 -8.99 30.07 -4.53
#